data_4A35
#
_entry.id   4A35
#
_cell.length_a   84.770
_cell.length_b   84.770
_cell.length_c   316.300
_cell.angle_alpha   90.00
_cell.angle_beta   90.00
_cell.angle_gamma   120.00
#
_symmetry.space_group_name_H-M   'P 65 2 2'
#
loop_
_entity.id
_entity.type
_entity.pdbx_description
1 polymer 'MITOCHONDRIAL ENOLASE SUPERFAMILY MEMBER 1'
2 non-polymer 'MAGNESIUM ION'
3 non-polymer 1,2-ETHANEDIOL
4 water water
#
_entity_poly.entity_id   1
_entity_poly.type   'polypeptide(L)'
_entity_poly.pdbx_seq_one_letter_code
;SMVRGRISRLSVRDVRFPTSLGGHGADAMHTDPDYSAAYVVIETDAEDGIKGCGITFTLGKGTEVVVCAVNALAHHVLNK
DLKDIVGDFRGFYRQLTSDGQLRWIGPEKGVVHLATAAVLNAVWDLWAKQEGKPVWKLLVDMDPRMLVSCIDFRYITDVL
TEEDALEILQKGQIGKKEREKQMLAQGYPAYTTSCAWLGYSDDTLKQLCAQALKDGWTRFKVKVGADLQDDMRRCQIIRD
MIGPEKTLMMDANQRWDVPEAVEWMSKLAKFKPLWIEEPTSPDDILGHATISKALVPLGIGIATGEQCHNRVIFKQLLQA
KALQFLQIDSCRLGSVNENLSVLLMAKKFEIPVCPHAGGVGLCELVQHLIIFDYISVSASLENRVCEYVDHLHEHFKYPV
MIQRASYMPPKDPGYSTEMKEESVKKHQYPDGEVWKKLLPA
;
_entity_poly.pdbx_strand_id   A
#
loop_
_chem_comp.id
_chem_comp.type
_chem_comp.name
_chem_comp.formula
EDO non-polymer 1,2-ETHANEDIOL 'C2 H6 O2'
MG non-polymer 'MAGNESIUM ION' 'Mg 2'
#
# COMPACT_ATOMS: atom_id res chain seq x y z
N SER A 1 6.44 -28.29 -0.52
CA SER A 1 5.42 -27.45 0.10
C SER A 1 4.83 -28.07 1.39
N MET A 2 4.60 -27.20 2.38
CA MET A 2 4.07 -27.50 3.71
C MET A 2 2.57 -27.13 3.80
N VAL A 3 1.92 -26.86 2.65
CA VAL A 3 0.53 -26.42 2.57
C VAL A 3 -0.41 -27.59 2.84
N ARG A 4 -1.42 -27.36 3.69
CA ARG A 4 -2.37 -28.39 4.08
C ARG A 4 -3.67 -27.74 4.56
N GLY A 5 -4.73 -28.53 4.61
CA GLY A 5 -5.97 -28.06 5.18
C GLY A 5 -6.98 -27.51 4.20
N ARG A 6 -8.23 -27.65 4.60
CA ARG A 6 -9.42 -27.12 3.94
C ARG A 6 -9.86 -25.88 4.70
N ILE A 7 -10.11 -24.77 3.99
CA ILE A 7 -10.56 -23.54 4.64
C ILE A 7 -11.99 -23.83 5.17
N SER A 8 -12.16 -23.76 6.49
CA SER A 8 -13.39 -24.19 7.13
C SER A 8 -14.24 -23.05 7.66
N ARG A 9 -13.61 -21.93 8.04
CA ARG A 9 -14.29 -20.76 8.62
C ARG A 9 -13.72 -19.46 8.10
N LEU A 10 -14.58 -18.45 8.02
CA LEU A 10 -14.19 -17.09 7.67
C LEU A 10 -14.98 -16.14 8.58
N SER A 11 -14.30 -15.17 9.14
CA SER A 11 -14.95 -14.11 9.89
C SER A 11 -14.45 -12.77 9.33
N VAL A 12 -15.30 -11.76 9.39
CA VAL A 12 -14.93 -10.43 8.96
C VAL A 12 -15.60 -9.46 9.91
N ARG A 13 -14.81 -8.50 10.40
CA ARG A 13 -15.26 -7.52 11.37
C ARG A 13 -14.88 -6.11 10.96
N ASP A 14 -15.74 -5.18 11.33
CA ASP A 14 -15.63 -3.74 11.07
C ASP A 14 -14.84 -3.15 12.25
N VAL A 15 -13.55 -2.76 12.04
CA VAL A 15 -12.68 -2.24 13.10
C VAL A 15 -12.38 -0.78 12.81
N ARG A 16 -12.63 0.13 13.76
CA ARG A 16 -12.44 1.55 13.48
C ARG A 16 -11.72 2.23 14.58
N PHE A 17 -10.71 3.03 14.18
CA PHE A 17 -9.94 3.80 15.13
C PHE A 17 -10.39 5.27 15.01
N PRO A 18 -10.60 5.94 16.17
CA PRO A 18 -11.10 7.34 16.14
C PRO A 18 -9.97 8.38 15.91
N THR A 19 -9.23 8.22 14.83
CA THR A 19 -8.08 9.09 14.59
C THR A 19 -8.49 10.57 14.29
N SER A 20 -9.77 10.81 13.88
CA SER A 20 -10.28 12.17 13.62
C SER A 20 -10.31 12.98 14.94
N LEU A 21 -10.39 12.29 16.07
CA LEU A 21 -10.40 12.97 17.39
C LEU A 21 -8.95 13.23 17.93
N GLY A 22 -7.96 12.61 17.30
CA GLY A 22 -6.55 12.74 17.69
C GLY A 22 -5.91 13.96 17.11
N GLY A 23 -6.46 14.50 16.01
CA GLY A 23 -5.89 15.72 15.43
C GLY A 23 -4.88 15.47 14.34
N HIS A 24 -4.49 14.21 14.10
CA HIS A 24 -3.54 13.88 13.01
C HIS A 24 -4.34 13.25 11.83
N GLY A 25 -3.70 13.11 10.67
CA GLY A 25 -4.30 12.42 9.52
C GLY A 25 -5.16 13.26 8.57
N ALA A 26 -5.37 14.55 8.86
CA ALA A 26 -6.16 15.36 7.93
C ALA A 26 -5.38 15.73 6.67
N ASP A 27 -6.02 15.62 5.51
CA ASP A 27 -5.38 16.11 4.28
C ASP A 27 -6.37 17.08 3.63
N ALA A 28 -6.04 17.63 2.45
CA ALA A 28 -6.90 18.64 1.79
C ALA A 28 -8.25 18.04 1.29
N MET A 29 -8.28 16.72 1.01
CA MET A 29 -9.46 16.04 0.51
C MET A 29 -10.24 15.31 1.63
N HIS A 30 -9.55 14.51 2.42
CA HIS A 30 -10.09 13.74 3.56
C HIS A 30 -9.73 14.51 4.86
N THR A 31 -10.61 15.40 5.27
CA THR A 31 -10.31 16.34 6.35
C THR A 31 -10.57 15.76 7.76
N ASP A 32 -11.21 14.56 7.89
CA ASP A 32 -11.57 14.03 9.23
C ASP A 32 -11.59 12.46 9.23
N PRO A 33 -10.50 11.79 8.78
CA PRO A 33 -10.60 10.33 8.65
C PRO A 33 -10.56 9.65 10.01
N ASP A 34 -11.25 8.51 10.09
CA ASP A 34 -11.17 7.56 11.19
C ASP A 34 -10.55 6.32 10.56
N TYR A 35 -9.24 6.16 10.70
CA TYR A 35 -8.52 5.03 10.12
C TYR A 35 -9.19 3.73 10.58
N SER A 36 -9.59 2.93 9.60
CA SER A 36 -10.35 1.72 9.85
C SER A 36 -9.96 0.57 8.94
N ALA A 37 -10.49 -0.63 9.25
CA ALA A 37 -10.23 -1.77 8.41
C ALA A 37 -11.34 -2.80 8.49
N ALA A 38 -11.56 -3.50 7.38
CA ALA A 38 -12.37 -4.73 7.38
C ALA A 38 -11.34 -5.84 7.71
N TYR A 39 -11.45 -6.44 8.89
CA TYR A 39 -10.47 -7.44 9.36
C TYR A 39 -11.01 -8.83 9.15
N VAL A 40 -10.29 -9.61 8.33
CA VAL A 40 -10.68 -10.96 7.95
C VAL A 40 -9.81 -12.00 8.65
N VAL A 41 -10.45 -13.06 9.15
CA VAL A 41 -9.73 -14.21 9.71
C VAL A 41 -10.28 -15.49 9.08
N ILE A 42 -9.38 -16.29 8.51
CA ILE A 42 -9.78 -17.58 7.94
C ILE A 42 -9.07 -18.67 8.72
N GLU A 43 -9.79 -19.79 8.89
CA GLU A 43 -9.27 -20.94 9.60
C GLU A 43 -9.32 -22.16 8.68
N THR A 44 -8.49 -23.15 8.98
CA THR A 44 -8.50 -24.40 8.23
C THR A 44 -8.92 -25.51 9.17
N ASP A 45 -9.10 -26.72 8.63
CA ASP A 45 -9.39 -27.87 9.48
C ASP A 45 -8.08 -28.62 9.84
N ALA A 46 -6.90 -27.98 9.64
CA ALA A 46 -5.57 -28.58 9.86
C ALA A 46 -5.26 -28.85 11.34
N GLU A 47 -5.97 -28.20 12.29
CA GLU A 47 -5.74 -28.35 13.75
C GLU A 47 -4.28 -28.02 14.15
N ASP A 48 -3.67 -27.00 13.49
CA ASP A 48 -2.31 -26.52 13.74
C ASP A 48 -2.31 -25.14 14.41
N GLY A 49 -3.50 -24.60 14.63
CA GLY A 49 -3.70 -23.25 15.18
C GLY A 49 -3.25 -22.10 14.27
N ILE A 50 -2.92 -22.39 12.99
CA ILE A 50 -2.46 -21.33 12.07
C ILE A 50 -3.68 -20.72 11.39
N LYS A 51 -3.83 -19.40 11.49
CA LYS A 51 -4.95 -18.68 10.88
C LYS A 51 -4.45 -17.67 9.89
N GLY A 52 -5.24 -17.44 8.86
CA GLY A 52 -4.95 -16.42 7.87
C GLY A 52 -5.69 -15.15 8.26
N CYS A 53 -4.93 -14.05 8.45
CA CYS A 53 -5.50 -12.75 8.76
C CYS A 53 -5.36 -11.81 7.56
N GLY A 54 -6.37 -11.01 7.33
CA GLY A 54 -6.35 -10.10 6.20
C GLY A 54 -7.03 -8.80 6.56
N ILE A 55 -6.59 -7.74 5.89
CA ILE A 55 -7.16 -6.42 6.06
C ILE A 55 -7.31 -5.71 4.70
N THR A 56 -8.17 -4.71 4.71
CA THR A 56 -8.29 -3.65 3.72
C THR A 56 -8.53 -2.40 4.53
N PHE A 57 -7.98 -1.29 4.08
CA PHE A 57 -8.05 -0.02 4.82
C PHE A 57 -9.12 0.94 4.30
N THR A 58 -9.80 1.58 5.24
CA THR A 58 -10.84 2.58 4.93
C THR A 58 -10.66 3.79 5.86
N LEU A 59 -11.50 4.83 5.64
CA LEU A 59 -11.47 6.03 6.45
C LEU A 59 -12.65 6.10 7.46
N GLY A 60 -13.32 4.99 7.73
CA GLY A 60 -14.37 4.94 8.72
C GLY A 60 -15.70 4.59 8.11
N LYS A 61 -16.52 5.61 7.78
CA LYS A 61 -17.79 5.32 7.13
C LYS A 61 -17.51 4.54 5.83
N GLY A 62 -18.29 3.51 5.60
CA GLY A 62 -18.16 2.66 4.42
C GLY A 62 -17.49 1.36 4.71
N THR A 63 -16.88 1.21 5.92
CA THR A 63 -16.24 -0.05 6.28
C THR A 63 -17.30 -1.17 6.30
N GLU A 64 -18.52 -0.87 6.79
CA GLU A 64 -19.62 -1.85 6.84
C GLU A 64 -19.99 -2.33 5.39
N VAL A 65 -19.84 -1.46 4.36
CA VAL A 65 -20.12 -1.83 2.95
C VAL A 65 -19.07 -2.87 2.47
N VAL A 66 -17.80 -2.61 2.80
CA VAL A 66 -16.67 -3.53 2.51
C VAL A 66 -16.93 -4.90 3.21
N VAL A 67 -17.29 -4.87 4.52
CA VAL A 67 -17.63 -6.08 5.28
C VAL A 67 -18.72 -6.87 4.52
N CYS A 68 -19.78 -6.18 4.04
CA CYS A 68 -20.85 -6.80 3.25
C CYS A 68 -20.30 -7.53 2.00
N ALA A 69 -19.38 -6.87 1.31
CA ALA A 69 -18.81 -7.42 0.07
C ALA A 69 -17.86 -8.59 0.40
N VAL A 70 -17.16 -8.55 1.57
CA VAL A 70 -16.34 -9.70 2.00
C VAL A 70 -17.31 -10.93 2.18
N ASN A 71 -18.46 -10.72 2.86
CA ASN A 71 -19.49 -11.77 3.03
C ASN A 71 -19.98 -12.31 1.68
N ALA A 72 -20.12 -11.45 0.64
CA ALA A 72 -20.53 -11.88 -0.71
C ALA A 72 -19.46 -12.74 -1.36
N LEU A 73 -18.18 -12.50 -1.04
CA LEU A 73 -17.10 -13.29 -1.65
C LEU A 73 -16.78 -14.57 -0.92
N ALA A 74 -17.15 -14.63 0.37
CA ALA A 74 -16.77 -15.74 1.28
C ALA A 74 -16.99 -17.16 0.73
N HIS A 75 -18.13 -17.41 0.01
CA HIS A 75 -18.43 -18.76 -0.50
C HIS A 75 -17.30 -19.28 -1.49
N HIS A 76 -16.54 -18.36 -2.13
CA HIS A 76 -15.42 -18.71 -3.05
C HIS A 76 -14.22 -19.30 -2.29
N VAL A 77 -14.03 -18.94 -1.00
CA VAL A 77 -12.87 -19.43 -0.27
C VAL A 77 -13.27 -20.55 0.70
N LEU A 78 -14.51 -20.56 1.18
CA LEU A 78 -14.98 -21.55 2.13
C LEU A 78 -15.06 -22.95 1.50
N ASN A 79 -14.64 -23.97 2.24
CA ASN A 79 -14.65 -25.37 1.80
C ASN A 79 -13.66 -25.67 0.66
N LYS A 80 -12.65 -24.82 0.49
CA LYS A 80 -11.61 -25.02 -0.52
C LYS A 80 -10.33 -25.50 0.14
N ASP A 81 -9.63 -26.46 -0.48
CA ASP A 81 -8.31 -26.92 -0.02
C ASP A 81 -7.31 -25.81 -0.33
N LEU A 82 -6.51 -25.39 0.63
CA LEU A 82 -5.52 -24.32 0.41
C LEU A 82 -4.53 -24.68 -0.72
N LYS A 83 -4.20 -26.00 -0.85
CA LYS A 83 -3.31 -26.51 -1.90
C LYS A 83 -3.85 -26.17 -3.31
N ASP A 84 -5.19 -26.25 -3.47
CA ASP A 84 -5.91 -26.00 -4.72
C ASP A 84 -5.92 -24.53 -5.07
N ILE A 85 -5.99 -23.64 -4.05
CA ILE A 85 -5.95 -22.20 -4.24
C ILE A 85 -4.53 -21.80 -4.67
N VAL A 86 -3.52 -22.11 -3.85
CA VAL A 86 -2.13 -21.69 -4.06
C VAL A 86 -1.53 -22.40 -5.30
N GLY A 87 -2.09 -23.54 -5.68
CA GLY A 87 -1.69 -24.33 -6.83
C GLY A 87 -2.16 -23.73 -8.16
N ASP A 88 -3.20 -22.86 -8.11
CA ASP A 88 -3.71 -22.14 -9.31
C ASP A 88 -4.22 -20.82 -8.79
N PHE A 89 -3.27 -19.98 -8.34
CA PHE A 89 -3.63 -18.73 -7.68
C PHE A 89 -4.24 -17.77 -8.69
N ARG A 90 -3.78 -17.83 -9.96
CA ARG A 90 -4.38 -17.05 -11.06
C ARG A 90 -5.89 -17.37 -11.21
N GLY A 91 -6.23 -18.66 -11.24
CA GLY A 91 -7.61 -19.14 -11.34
C GLY A 91 -8.48 -18.64 -10.21
N PHE A 92 -7.95 -18.73 -8.97
CA PHE A 92 -8.70 -18.25 -7.77
C PHE A 92 -8.89 -16.72 -7.83
N TYR A 93 -7.82 -16.01 -8.23
CA TYR A 93 -7.87 -14.57 -8.43
C TYR A 93 -8.99 -14.20 -9.44
N ARG A 94 -9.04 -14.91 -10.61
CA ARG A 94 -10.06 -14.67 -11.62
C ARG A 94 -11.50 -14.95 -11.06
N GLN A 95 -11.66 -15.97 -10.22
N GLN A 95 -11.63 -15.98 -10.19
CA GLN A 95 -13.01 -16.26 -9.70
CA GLN A 95 -12.90 -16.40 -9.55
C GLN A 95 -13.50 -15.14 -8.75
C GLN A 95 -13.48 -15.30 -8.64
N LEU A 96 -12.59 -14.61 -7.90
CA LEU A 96 -12.95 -13.50 -7.01
C LEU A 96 -13.23 -12.19 -7.78
N THR A 97 -12.38 -11.87 -8.78
CA THR A 97 -12.41 -10.55 -9.48
C THR A 97 -13.28 -10.54 -10.76
N SER A 98 -13.60 -11.73 -11.32
CA SER A 98 -14.44 -11.84 -12.51
C SER A 98 -15.59 -12.80 -12.24
N ASP A 99 -16.17 -12.74 -11.03
CA ASP A 99 -17.39 -13.52 -10.72
C ASP A 99 -18.49 -13.03 -11.72
N GLY A 100 -19.14 -13.92 -12.47
CA GLY A 100 -20.09 -13.56 -13.52
C GLY A 100 -21.18 -12.57 -13.11
N GLN A 101 -21.53 -12.53 -11.79
CA GLN A 101 -22.50 -11.53 -11.33
C GLN A 101 -21.81 -10.42 -10.50
N LEU A 102 -20.94 -10.78 -9.51
CA LEU A 102 -20.33 -9.76 -8.64
C LEU A 102 -19.43 -8.81 -9.39
N ARG A 103 -18.85 -9.22 -10.54
CA ARG A 103 -17.94 -8.29 -11.23
C ARG A 103 -18.71 -7.01 -11.73
N TRP A 104 -20.02 -7.11 -11.89
CA TRP A 104 -20.82 -5.96 -12.34
C TRP A 104 -20.73 -4.81 -11.33
N ILE A 105 -20.55 -5.13 -10.04
CA ILE A 105 -20.49 -4.07 -9.04
C ILE A 105 -19.07 -3.42 -8.95
N GLY A 106 -18.14 -3.88 -9.79
CA GLY A 106 -16.84 -3.25 -9.97
C GLY A 106 -16.85 -2.81 -11.44
N PRO A 107 -16.21 -3.58 -12.36
CA PRO A 107 -15.32 -4.72 -12.08
C PRO A 107 -13.92 -4.26 -11.63
N GLU A 108 -13.35 -5.00 -10.64
CA GLU A 108 -12.00 -4.75 -10.13
CA GLU A 108 -11.98 -4.75 -10.18
C GLU A 108 -11.78 -3.26 -9.76
N LYS A 109 -12.76 -2.69 -9.00
CA LYS A 109 -12.64 -1.32 -8.51
C LYS A 109 -13.61 -1.09 -7.36
N GLY A 110 -13.33 -0.09 -6.55
CA GLY A 110 -14.21 0.22 -5.45
C GLY A 110 -14.31 -0.89 -4.41
N VAL A 111 -15.50 -0.93 -3.79
CA VAL A 111 -15.82 -1.82 -2.66
C VAL A 111 -15.46 -3.27 -2.95
N VAL A 112 -15.87 -3.76 -4.11
CA VAL A 112 -15.69 -5.20 -4.41
C VAL A 112 -14.18 -5.56 -4.47
N HIS A 113 -13.34 -4.64 -4.96
CA HIS A 113 -11.89 -4.91 -5.04
C HIS A 113 -11.22 -4.77 -3.67
N LEU A 114 -11.65 -3.78 -2.85
CA LEU A 114 -11.15 -3.66 -1.47
C LEU A 114 -11.45 -4.96 -0.69
N ALA A 115 -12.70 -5.49 -0.85
CA ALA A 115 -13.08 -6.73 -0.21
C ALA A 115 -12.22 -7.89 -0.73
N THR A 116 -12.02 -7.96 -2.06
CA THR A 116 -11.17 -8.99 -2.66
C THR A 116 -9.73 -8.93 -2.07
N ALA A 117 -9.19 -7.70 -1.88
CA ALA A 117 -7.84 -7.55 -1.33
C ALA A 117 -7.78 -8.08 0.11
N ALA A 118 -8.85 -7.86 0.89
CA ALA A 118 -8.91 -8.32 2.29
C ALA A 118 -8.91 -9.86 2.38
N VAL A 119 -9.68 -10.52 1.50
CA VAL A 119 -9.78 -11.99 1.45
C VAL A 119 -8.43 -12.55 0.98
N LEU A 120 -7.94 -12.04 -0.16
CA LEU A 120 -6.64 -12.52 -0.70
C LEU A 120 -5.46 -12.28 0.30
N ASN A 121 -5.46 -11.14 1.05
CA ASN A 121 -4.45 -10.87 2.07
C ASN A 121 -4.46 -11.97 3.13
N ALA A 122 -5.68 -12.42 3.57
CA ALA A 122 -5.80 -13.48 4.57
C ALA A 122 -5.23 -14.84 3.99
N VAL A 123 -5.43 -15.09 2.70
CA VAL A 123 -4.90 -16.34 2.10
C VAL A 123 -3.36 -16.30 2.03
N TRP A 124 -2.77 -15.15 1.61
CA TRP A 124 -1.28 -14.98 1.56
C TRP A 124 -0.70 -15.12 2.98
N ASP A 125 -1.39 -14.56 3.99
CA ASP A 125 -0.92 -14.67 5.39
C ASP A 125 -0.90 -16.13 5.82
N LEU A 126 -1.99 -16.83 5.55
CA LEU A 126 -2.12 -18.25 5.89
C LEU A 126 -1.04 -19.10 5.19
N TRP A 127 -0.88 -18.92 3.89
CA TRP A 127 0.09 -19.67 3.10
C TRP A 127 1.52 -19.43 3.66
N ALA A 128 1.90 -18.15 3.85
CA ALA A 128 3.25 -17.80 4.35
C ALA A 128 3.47 -18.39 5.74
N LYS A 129 2.45 -18.34 6.60
CA LYS A 129 2.56 -18.96 7.94
C LYS A 129 2.71 -20.48 7.86
N GLN A 130 1.93 -21.18 7.00
CA GLN A 130 2.06 -22.65 6.90
C GLN A 130 3.46 -23.03 6.36
N GLU A 131 4.07 -22.14 5.53
CA GLU A 131 5.42 -22.32 4.98
C GLU A 131 6.54 -21.86 5.96
N GLY A 132 6.15 -21.20 7.07
CA GLY A 132 7.07 -20.76 8.12
C GLY A 132 7.99 -19.65 7.67
N LYS A 133 7.46 -18.78 6.78
CA LYS A 133 8.23 -17.68 6.19
C LYS A 133 7.42 -16.38 6.17
N PRO A 134 8.08 -15.21 6.38
CA PRO A 134 7.37 -13.95 6.12
C PRO A 134 7.03 -13.90 4.61
N VAL A 135 5.97 -13.19 4.23
CA VAL A 135 5.56 -13.12 2.83
C VAL A 135 6.75 -12.66 1.92
N TRP A 136 7.52 -11.65 2.33
CA TRP A 136 8.63 -11.20 1.45
C TRP A 136 9.58 -12.39 1.09
N LYS A 137 9.83 -13.29 2.06
CA LYS A 137 10.76 -14.40 1.89
C LYS A 137 10.12 -15.50 1.09
N LEU A 138 8.80 -15.71 1.29
CA LEU A 138 8.04 -16.68 0.49
C LEU A 138 8.16 -16.31 -0.98
N LEU A 139 7.99 -14.98 -1.27
CA LEU A 139 8.08 -14.48 -2.64
C LEU A 139 9.50 -14.61 -3.20
N VAL A 140 10.48 -14.14 -2.43
CA VAL A 140 11.93 -14.25 -2.82
C VAL A 140 12.33 -15.72 -3.18
N ASP A 141 11.88 -16.70 -2.38
CA ASP A 141 12.23 -18.10 -2.57
C ASP A 141 11.42 -18.82 -3.62
N MET A 142 10.35 -18.19 -4.15
CA MET A 142 9.44 -18.79 -5.10
C MET A 142 10.09 -18.98 -6.45
N ASP A 143 9.87 -20.14 -7.04
CA ASP A 143 10.34 -20.42 -8.38
C ASP A 143 9.68 -19.38 -9.36
N PRO A 144 10.41 -18.71 -10.28
CA PRO A 144 9.72 -17.73 -11.17
C PRO A 144 8.46 -18.28 -11.86
N ARG A 145 8.44 -19.56 -12.31
CA ARG A 145 7.24 -20.09 -12.98
C ARG A 145 6.05 -20.15 -11.99
N MET A 146 6.36 -20.48 -10.72
CA MET A 146 5.37 -20.55 -9.65
C MET A 146 4.81 -19.16 -9.39
N LEU A 147 5.68 -18.17 -9.25
CA LEU A 147 5.24 -16.80 -9.01
C LEU A 147 4.32 -16.30 -10.16
N VAL A 148 4.72 -16.48 -11.45
CA VAL A 148 3.88 -15.99 -12.55
CA VAL A 148 3.94 -16.04 -12.60
C VAL A 148 2.54 -16.78 -12.59
N SER A 149 2.50 -18.05 -12.09
CA SER A 149 1.24 -18.82 -11.99
C SER A 149 0.25 -18.18 -10.99
N CYS A 150 0.73 -17.25 -10.09
CA CYS A 150 -0.16 -16.59 -9.11
C CYS A 150 -0.80 -15.35 -9.70
N ILE A 151 -0.32 -14.90 -10.89
CA ILE A 151 -0.74 -13.63 -11.45
C ILE A 151 -1.68 -13.73 -12.63
N ASP A 152 -2.75 -12.92 -12.58
CA ASP A 152 -3.66 -12.76 -13.71
C ASP A 152 -3.12 -11.66 -14.65
N PHE A 153 -2.78 -12.02 -15.93
CA PHE A 153 -2.23 -11.12 -16.93
C PHE A 153 -3.31 -10.53 -17.83
N ARG A 154 -4.60 -10.85 -17.59
CA ARG A 154 -5.63 -10.26 -18.45
C ARG A 154 -5.50 -8.72 -18.51
N TYR A 155 -5.64 -8.17 -19.71
CA TYR A 155 -5.59 -6.71 -20.02
C TYR A 155 -4.19 -6.09 -19.90
N ILE A 156 -3.14 -6.89 -19.59
CA ILE A 156 -1.78 -6.33 -19.54
C ILE A 156 -0.79 -7.10 -20.43
N THR A 157 -1.21 -8.20 -21.11
CA THR A 157 -0.28 -8.93 -22.00
C THR A 157 0.27 -8.06 -23.16
N ASP A 158 -0.38 -6.92 -23.48
CA ASP A 158 0.09 -5.99 -24.52
C ASP A 158 1.36 -5.21 -24.06
N VAL A 159 1.67 -5.19 -22.73
CA VAL A 159 2.90 -4.54 -22.22
C VAL A 159 3.78 -5.55 -21.45
N LEU A 160 3.18 -6.61 -20.91
CA LEU A 160 3.88 -7.60 -20.06
C LEU A 160 3.23 -8.97 -20.21
N THR A 161 3.86 -9.81 -21.06
CA THR A 161 3.43 -11.19 -21.22
C THR A 161 3.97 -12.02 -20.04
N GLU A 162 3.49 -13.25 -19.91
CA GLU A 162 4.00 -14.20 -18.91
CA GLU A 162 3.99 -14.19 -18.89
C GLU A 162 5.51 -14.39 -19.13
N GLU A 163 5.93 -14.52 -20.40
CA GLU A 163 7.32 -14.69 -20.83
CA GLU A 163 7.35 -14.71 -20.74
C GLU A 163 8.16 -13.44 -20.38
N ASP A 164 7.62 -12.24 -20.58
CA ASP A 164 8.31 -10.97 -20.18
C ASP A 164 8.54 -10.96 -18.67
N ALA A 165 7.51 -11.40 -17.90
CA ALA A 165 7.52 -11.48 -16.42
C ALA A 165 8.61 -12.46 -16.00
N LEU A 166 8.67 -13.64 -16.66
CA LEU A 166 9.69 -14.65 -16.38
C LEU A 166 11.10 -14.10 -16.62
N GLU A 167 11.28 -13.33 -17.69
CA GLU A 167 12.59 -12.76 -18.03
C GLU A 167 13.07 -11.78 -16.90
N ILE A 168 12.16 -10.94 -16.40
CA ILE A 168 12.47 -9.99 -15.33
C ILE A 168 12.86 -10.77 -14.03
N LEU A 169 12.11 -11.86 -13.75
CA LEU A 169 12.36 -12.65 -12.53
C LEU A 169 13.65 -13.47 -12.62
N GLN A 170 13.98 -13.94 -13.84
CA GLN A 170 15.22 -14.71 -14.06
C GLN A 170 16.42 -13.78 -13.84
N LYS A 171 16.34 -12.57 -14.40
CA LYS A 171 17.38 -11.55 -14.27
CA LYS A 171 17.41 -11.58 -14.25
C LYS A 171 17.54 -11.15 -12.77
N GLY A 172 16.40 -11.11 -12.06
CA GLY A 172 16.35 -10.76 -10.64
C GLY A 172 17.00 -11.79 -9.73
N GLN A 173 17.29 -13.00 -10.27
CA GLN A 173 18.01 -14.07 -9.53
C GLN A 173 19.47 -13.61 -9.28
N ILE A 174 20.02 -12.83 -10.21
CA ILE A 174 21.43 -12.39 -10.17
C ILE A 174 21.65 -11.41 -8.99
N GLY A 175 22.51 -11.80 -8.06
CA GLY A 175 22.78 -11.00 -6.85
C GLY A 175 21.67 -10.99 -5.82
N LYS A 176 20.70 -11.95 -5.90
CA LYS A 176 19.59 -11.97 -4.94
C LYS A 176 20.09 -12.27 -3.51
N LYS A 177 21.13 -13.10 -3.33
CA LYS A 177 21.62 -13.39 -1.95
C LYS A 177 22.22 -12.11 -1.32
N GLU A 178 23.02 -11.36 -2.11
CA GLU A 178 23.68 -10.09 -1.72
C GLU A 178 22.59 -9.04 -1.35
N ARG A 179 21.52 -8.93 -2.16
CA ARG A 179 20.43 -7.98 -1.87
C ARG A 179 19.63 -8.39 -0.61
N GLU A 180 19.35 -9.70 -0.42
CA GLU A 180 18.69 -10.13 0.80
C GLU A 180 19.58 -9.81 2.02
N LYS A 181 20.93 -10.07 1.94
CA LYS A 181 21.84 -9.71 3.03
C LYS A 181 21.78 -8.24 3.34
N GLN A 182 21.73 -7.39 2.29
CA GLN A 182 21.67 -5.91 2.43
C GLN A 182 20.40 -5.47 3.19
N MET A 183 19.26 -6.08 2.82
CA MET A 183 17.97 -5.83 3.43
C MET A 183 18.01 -6.21 4.92
N LEU A 184 18.57 -7.39 5.24
CA LEU A 184 18.60 -7.84 6.63
C LEU A 184 19.52 -6.99 7.47
N ALA A 185 20.59 -6.45 6.85
CA ALA A 185 21.56 -5.68 7.60
C ALA A 185 21.13 -4.21 7.82
N GLN A 186 20.47 -3.56 6.84
CA GLN A 186 20.20 -2.13 6.88
C GLN A 186 18.74 -1.73 6.67
N GLY A 187 17.90 -2.63 6.14
CA GLY A 187 16.50 -2.33 5.94
C GLY A 187 16.21 -1.56 4.67
N TYR A 188 14.92 -1.27 4.45
CA TYR A 188 14.42 -0.57 3.27
C TYR A 188 14.21 0.90 3.60
N PRO A 189 14.82 1.83 2.82
CA PRO A 189 14.78 3.26 3.16
C PRO A 189 13.33 3.80 3.21
N ALA A 190 13.02 4.59 4.25
CA ALA A 190 11.68 5.17 4.42
C ALA A 190 11.68 6.70 4.49
N TYR A 191 10.49 7.28 4.31
CA TYR A 191 10.27 8.70 4.55
C TYR A 191 9.15 8.78 5.53
N THR A 192 9.07 9.89 6.27
CA THR A 192 8.01 10.08 7.24
C THR A 192 6.90 11.06 6.72
N THR A 193 5.64 10.72 7.03
CA THR A 193 4.47 11.55 6.72
C THR A 193 3.96 12.16 8.06
N SER A 194 4.70 11.95 9.16
CA SER A 194 4.24 12.41 10.47
CA SER A 194 4.37 12.43 10.52
C SER A 194 4.22 13.97 10.64
N CYS A 195 4.87 14.76 9.77
CA CYS A 195 4.82 16.25 9.85
C CYS A 195 3.90 16.81 8.74
N ALA A 196 3.24 15.92 7.98
CA ALA A 196 2.53 16.31 6.78
C ALA A 196 1.16 16.95 6.96
N TRP A 197 0.48 16.62 8.04
CA TRP A 197 -0.97 16.84 8.18
C TRP A 197 -1.40 18.29 8.30
N LEU A 198 -2.63 18.55 7.80
CA LEU A 198 -3.26 19.87 7.88
C LEU A 198 -3.81 20.13 9.31
N GLY A 199 -3.84 21.41 9.71
CA GLY A 199 -4.40 21.86 10.98
C GLY A 199 -3.43 22.18 12.09
N TYR A 200 -2.14 21.89 11.88
CA TYR A 200 -1.12 22.13 12.89
C TYR A 200 -0.75 23.61 12.98
N SER A 201 -0.64 24.13 14.21
CA SER A 201 -0.11 25.48 14.43
C SER A 201 1.39 25.47 14.01
N ASP A 202 2.01 26.66 13.90
CA ASP A 202 3.45 26.78 13.59
C ASP A 202 4.29 26.04 14.63
N ASP A 203 4.03 26.31 15.92
CA ASP A 203 4.72 25.67 17.04
C ASP A 203 4.60 24.17 16.98
N THR A 204 3.37 23.66 16.79
CA THR A 204 3.16 22.19 16.71
C THR A 204 4.00 21.58 15.58
N LEU A 205 3.94 22.22 14.39
CA LEU A 205 4.65 21.69 13.23
C LEU A 205 6.18 21.74 13.48
N LYS A 206 6.69 22.86 14.09
CA LYS A 206 8.13 22.92 14.40
C LYS A 206 8.53 21.79 15.37
N GLN A 207 7.68 21.48 16.36
CA GLN A 207 7.92 20.42 17.36
C GLN A 207 8.00 19.03 16.69
N LEU A 208 7.05 18.72 15.80
CA LEU A 208 7.03 17.42 15.07
C LEU A 208 8.28 17.27 14.18
N CYS A 209 8.65 18.33 13.48
CA CYS A 209 9.86 18.37 12.63
C CYS A 209 11.12 18.10 13.46
N ALA A 210 11.30 18.86 14.57
CA ALA A 210 12.44 18.71 15.46
C ALA A 210 12.53 17.28 15.98
N GLN A 211 11.40 16.70 16.40
CA GLN A 211 11.39 15.33 16.93
C GLN A 211 11.79 14.31 15.82
N ALA A 212 11.21 14.44 14.61
CA ALA A 212 11.56 13.57 13.49
C ALA A 212 13.05 13.68 13.15
N LEU A 213 13.58 14.94 13.07
CA LEU A 213 15.01 15.14 12.77
C LEU A 213 15.91 14.46 13.84
N LYS A 214 15.54 14.64 15.12
CA LYS A 214 16.24 14.04 16.29
C LYS A 214 16.21 12.49 16.17
N ASP A 215 15.05 11.90 15.80
CA ASP A 215 14.84 10.45 15.64
C ASP A 215 15.56 9.85 14.42
N GLY A 216 16.20 10.68 13.58
CA GLY A 216 16.93 10.24 12.40
C GLY A 216 16.23 10.36 11.06
N TRP A 217 15.01 10.93 10.99
CA TRP A 217 14.34 11.08 9.68
C TRP A 217 15.02 12.15 8.83
N THR A 218 15.16 11.91 7.51
CA THR A 218 15.79 12.86 6.59
C THR A 218 14.95 13.07 5.33
N ARG A 219 13.78 12.36 5.19
CA ARG A 219 12.87 12.42 4.04
C ARG A 219 11.46 12.67 4.58
N PHE A 220 10.81 13.74 4.10
CA PHE A 220 9.57 14.25 4.64
C PHE A 220 8.50 14.54 3.62
N LYS A 221 7.26 14.12 3.94
CA LYS A 221 6.14 14.46 3.09
C LYS A 221 5.33 15.55 3.76
N VAL A 222 4.67 16.37 2.94
CA VAL A 222 3.76 17.43 3.42
C VAL A 222 2.50 17.44 2.56
N LYS A 223 1.34 17.53 3.21
CA LYS A 223 0.07 17.64 2.50
C LYS A 223 -0.15 19.07 2.07
N VAL A 224 -0.69 19.21 0.87
CA VAL A 224 -0.99 20.52 0.23
C VAL A 224 -2.34 20.43 -0.50
N GLY A 225 -2.80 21.57 -1.03
CA GLY A 225 -3.93 21.60 -1.93
C GLY A 225 -5.28 22.16 -1.53
N ALA A 226 -5.47 22.57 -0.27
CA ALA A 226 -6.74 23.17 0.15
C ALA A 226 -6.63 24.68 0.15
N ASP A 227 -5.45 25.19 0.53
CA ASP A 227 -5.24 26.62 0.73
C ASP A 227 -3.78 26.93 0.46
N LEU A 228 -3.52 27.68 -0.62
CA LEU A 228 -2.16 27.99 -1.05
C LEU A 228 -1.33 28.69 0.02
N GLN A 229 -1.87 29.74 0.66
CA GLN A 229 -1.13 30.49 1.70
C GLN A 229 -0.75 29.55 2.86
N ASP A 230 -1.68 28.65 3.29
CA ASP A 230 -1.40 27.65 4.33
C ASP A 230 -0.29 26.69 3.87
N ASP A 231 -0.29 26.31 2.55
CA ASP A 231 0.76 25.44 2.01
C ASP A 231 2.10 26.15 2.06
N MET A 232 2.14 27.42 1.71
CA MET A 232 3.39 28.17 1.77
C MET A 232 3.88 28.31 3.22
N ARG A 233 2.97 28.61 4.17
CA ARG A 233 3.29 28.70 5.61
C ARG A 233 3.96 27.39 6.11
N ARG A 234 3.33 26.21 5.85
CA ARG A 234 3.81 24.94 6.35
C ARG A 234 5.06 24.43 5.60
N CYS A 235 5.15 24.64 4.27
CA CYS A 235 6.31 24.21 3.49
C CYS A 235 7.52 25.04 3.92
N GLN A 236 7.33 26.35 4.19
CA GLN A 236 8.40 27.24 4.68
C GLN A 236 8.97 26.72 6.02
N ILE A 237 8.09 26.38 6.96
CA ILE A 237 8.50 25.85 8.27
C ILE A 237 9.29 24.55 8.09
N ILE A 238 8.77 23.60 7.29
CA ILE A 238 9.46 22.32 7.15
C ILE A 238 10.83 22.52 6.47
N ARG A 239 10.84 23.21 5.32
CA ARG A 239 12.07 23.44 4.56
C ARG A 239 13.15 24.18 5.41
N ASP A 240 12.75 25.11 6.30
CA ASP A 240 13.67 25.81 7.21
C ASP A 240 14.20 24.87 8.32
N MET A 241 13.35 23.91 8.80
CA MET A 241 13.75 22.96 9.86
C MET A 241 14.69 21.91 9.29
N ILE A 242 14.35 21.35 8.10
CA ILE A 242 15.08 20.23 7.52
C ILE A 242 16.28 20.64 6.64
N GLY A 243 16.33 21.89 6.17
CA GLY A 243 17.44 22.35 5.33
C GLY A 243 17.30 21.96 3.86
N PRO A 244 18.18 22.48 2.98
CA PRO A 244 18.06 22.20 1.52
C PRO A 244 18.52 20.80 1.06
N GLU A 245 19.42 20.14 1.77
CA GLU A 245 19.93 18.83 1.35
C GLU A 245 18.92 17.67 1.63
N LYS A 246 17.90 17.90 2.50
CA LYS A 246 16.92 16.84 2.87
C LYS A 246 15.72 16.80 1.86
N THR A 247 15.12 15.58 1.69
CA THR A 247 14.07 15.33 0.75
C THR A 247 12.72 15.78 1.28
N LEU A 248 12.07 16.59 0.48
CA LEU A 248 10.70 17.04 0.72
C LEU A 248 9.78 16.56 -0.41
N MET A 249 8.65 15.90 -0.06
CA MET A 249 7.63 15.48 -1.03
C MET A 249 6.31 16.16 -0.70
N MET A 250 5.56 16.54 -1.71
CA MET A 250 4.21 17.15 -1.53
C MET A 250 3.12 16.19 -1.99
N ASP A 251 1.92 16.31 -1.37
CA ASP A 251 0.82 15.40 -1.67
C ASP A 251 -0.48 16.21 -1.68
N ALA A 252 -1.10 16.33 -2.86
CA ALA A 252 -2.32 17.13 -3.04
C ALA A 252 -3.59 16.28 -2.87
N ASN A 253 -3.47 14.93 -2.69
CA ASN A 253 -4.68 14.07 -2.51
C ASN A 253 -5.83 14.41 -3.50
N GLN A 254 -5.46 14.54 -4.82
CA GLN A 254 -6.41 14.65 -5.94
C GLN A 254 -7.18 15.97 -6.00
N ARG A 255 -6.74 17.01 -5.27
CA ARG A 255 -7.55 18.21 -5.17
C ARG A 255 -7.78 18.98 -6.47
N TRP A 256 -6.80 18.96 -7.38
CA TRP A 256 -6.81 19.91 -8.48
C TRP A 256 -7.28 19.41 -9.82
N ASP A 257 -7.80 20.36 -10.65
CA ASP A 257 -8.02 20.15 -12.06
C ASP A 257 -6.64 20.27 -12.73
N VAL A 258 -6.51 19.89 -14.00
CA VAL A 258 -5.19 19.80 -14.62
C VAL A 258 -4.48 21.19 -14.71
N PRO A 259 -5.07 22.26 -15.31
CA PRO A 259 -4.36 23.55 -15.36
C PRO A 259 -4.09 24.08 -13.95
N GLU A 260 -5.07 23.93 -13.03
CA GLU A 260 -4.94 24.36 -11.63
C GLU A 260 -3.74 23.70 -10.95
N ALA A 261 -3.51 22.39 -11.18
CA ALA A 261 -2.37 21.69 -10.56
C ALA A 261 -1.04 22.32 -11.02
N VAL A 262 -0.95 22.67 -12.31
CA VAL A 262 0.29 23.28 -12.82
C VAL A 262 0.50 24.63 -12.20
N GLU A 263 -0.57 25.43 -12.08
CA GLU A 263 -0.43 26.78 -11.53
C GLU A 263 -0.02 26.78 -10.03
N TRP A 264 -0.71 25.97 -9.26
CA TRP A 264 -0.45 25.82 -7.82
C TRP A 264 0.99 25.35 -7.58
N MET A 265 1.44 24.36 -8.35
CA MET A 265 2.79 23.80 -8.22
C MET A 265 3.87 24.78 -8.66
N SER A 266 3.54 25.69 -9.61
CA SER A 266 4.51 26.72 -10.03
CA SER A 266 4.53 26.69 -10.03
C SER A 266 4.84 27.65 -8.85
N LYS A 267 3.86 27.82 -7.91
CA LYS A 267 4.02 28.68 -6.73
C LYS A 267 4.74 27.94 -5.57
N LEU A 268 4.60 26.60 -5.52
CA LEU A 268 5.26 25.78 -4.45
C LEU A 268 6.64 25.25 -4.90
N ALA A 269 7.02 25.46 -6.20
CA ALA A 269 8.27 24.93 -6.70
C ALA A 269 9.50 25.51 -5.97
N LYS A 270 9.37 26.70 -5.35
CA LYS A 270 10.48 27.33 -4.61
C LYS A 270 10.95 26.43 -3.44
N PHE A 271 10.07 25.54 -2.94
CA PHE A 271 10.42 24.65 -1.83
C PHE A 271 11.19 23.41 -2.33
N LYS A 272 11.45 23.33 -3.65
CA LYS A 272 12.18 22.24 -4.31
C LYS A 272 11.65 20.85 -3.88
N PRO A 273 10.35 20.60 -4.11
CA PRO A 273 9.80 19.25 -3.81
C PRO A 273 10.35 18.16 -4.77
N LEU A 274 10.68 16.97 -4.25
CA LEU A 274 11.10 15.87 -5.16
C LEU A 274 9.94 15.45 -6.09
N TRP A 275 8.74 15.36 -5.51
CA TRP A 275 7.58 15.01 -6.28
C TRP A 275 6.33 15.71 -5.75
N ILE A 276 5.33 15.77 -6.63
CA ILE A 276 3.96 16.16 -6.30
C ILE A 276 3.12 14.89 -6.48
N GLU A 277 2.50 14.46 -5.37
CA GLU A 277 1.73 13.24 -5.35
C GLU A 277 0.22 13.55 -5.55
N GLU A 278 -0.47 12.67 -6.34
CA GLU A 278 -1.88 12.77 -6.67
C GLU A 278 -2.31 14.23 -6.99
N PRO A 279 -1.67 14.90 -7.97
CA PRO A 279 -2.10 16.29 -8.28
C PRO A 279 -3.57 16.36 -8.75
N THR A 280 -4.12 15.26 -9.31
CA THR A 280 -5.51 15.32 -9.79
C THR A 280 -6.16 13.95 -9.54
N SER A 281 -7.35 13.77 -10.12
CA SER A 281 -8.16 12.53 -10.05
C SER A 281 -7.25 11.27 -10.26
N PRO A 282 -7.41 10.21 -9.43
CA PRO A 282 -6.58 8.99 -9.56
C PRO A 282 -6.91 8.23 -10.85
N ASP A 283 -8.04 8.58 -11.51
CA ASP A 283 -8.42 7.99 -12.82
C ASP A 283 -7.84 8.74 -14.02
N ASP A 284 -7.30 9.95 -13.79
CA ASP A 284 -6.95 10.75 -14.96
C ASP A 284 -5.50 10.49 -15.37
N ILE A 285 -5.33 9.48 -16.21
CA ILE A 285 -4.03 9.09 -16.76
C ILE A 285 -3.49 10.23 -17.62
N LEU A 286 -4.33 10.71 -18.58
CA LEU A 286 -3.90 11.77 -19.49
C LEU A 286 -3.60 13.05 -18.72
N GLY A 287 -4.38 13.28 -17.67
CA GLY A 287 -4.17 14.44 -16.79
C GLY A 287 -2.84 14.44 -16.07
N HIS A 288 -2.47 13.27 -15.52
CA HIS A 288 -1.18 13.12 -14.84
C HIS A 288 -0.04 13.34 -15.82
N ALA A 289 -0.17 12.80 -17.07
CA ALA A 289 0.83 13.03 -18.11
C ALA A 289 0.93 14.52 -18.48
N THR A 290 -0.22 15.23 -18.60
CA THR A 290 -0.18 16.68 -18.90
C THR A 290 0.59 17.46 -17.79
N ILE A 291 0.33 17.14 -16.52
CA ILE A 291 0.95 17.81 -15.38
C ILE A 291 2.44 17.44 -15.35
N SER A 292 2.75 16.15 -15.57
CA SER A 292 4.14 15.71 -15.61
C SER A 292 4.95 16.49 -16.67
N LYS A 293 4.42 16.62 -17.92
CA LYS A 293 5.17 17.34 -18.96
C LYS A 293 5.41 18.79 -18.56
N ALA A 294 4.44 19.42 -17.91
CA ALA A 294 4.57 20.82 -17.49
C ALA A 294 5.53 21.04 -16.32
N LEU A 295 5.63 20.06 -15.36
CA LEU A 295 6.41 20.23 -14.14
C LEU A 295 7.84 19.63 -14.15
N VAL A 296 8.09 18.54 -14.91
CA VAL A 296 9.44 17.91 -14.99
C VAL A 296 10.52 18.99 -15.40
N PRO A 297 10.19 20.02 -16.23
CA PRO A 297 11.13 21.15 -16.48
C PRO A 297 11.47 22.02 -15.25
N LEU A 298 10.60 22.03 -14.23
CA LEU A 298 10.85 22.73 -12.96
C LEU A 298 11.63 21.80 -12.00
N GLY A 299 11.91 20.57 -12.45
CA GLY A 299 12.61 19.58 -11.62
C GLY A 299 11.72 18.80 -10.65
N ILE A 300 10.40 18.87 -10.86
CA ILE A 300 9.41 18.19 -10.01
C ILE A 300 8.80 16.99 -10.76
N GLY A 301 8.91 15.81 -10.15
CA GLY A 301 8.34 14.59 -10.73
C GLY A 301 6.91 14.45 -10.26
N ILE A 302 6.17 13.58 -10.94
CA ILE A 302 4.76 13.30 -10.56
C ILE A 302 4.74 11.92 -9.96
N ALA A 303 4.05 11.78 -8.82
CA ALA A 303 3.83 10.49 -8.13
C ALA A 303 2.32 10.22 -8.05
N THR A 304 1.90 8.98 -8.27
CA THR A 304 0.48 8.67 -8.04
C THR A 304 0.34 7.18 -7.86
N GLY A 305 -0.83 6.78 -7.38
CA GLY A 305 -1.15 5.36 -7.31
C GLY A 305 -1.87 4.84 -6.10
N GLU A 306 -1.80 5.53 -4.94
CA GLU A 306 -2.44 4.96 -3.75
C GLU A 306 -3.95 4.63 -3.93
N GLN A 307 -4.73 5.39 -4.80
CA GLN A 307 -6.15 5.10 -5.01
C GLN A 307 -6.37 4.57 -6.42
N CYS A 308 -5.26 4.29 -7.17
CA CYS A 308 -5.32 3.71 -8.50
CA CYS A 308 -5.42 3.75 -8.54
C CYS A 308 -5.97 2.32 -8.38
N HIS A 309 -7.16 2.15 -8.91
CA HIS A 309 -7.96 0.95 -8.61
C HIS A 309 -7.51 -0.43 -9.12
N ASN A 310 -6.76 -0.53 -10.22
CA ASN A 310 -6.33 -1.85 -10.68
C ASN A 310 -5.13 -1.69 -11.61
N ARG A 311 -4.62 -2.81 -12.11
CA ARG A 311 -3.40 -2.86 -12.93
C ARG A 311 -3.62 -2.19 -14.32
N VAL A 312 -4.89 -2.09 -14.79
CA VAL A 312 -5.18 -1.49 -16.12
C VAL A 312 -4.86 0.00 -16.05
N ILE A 313 -5.19 0.66 -14.93
CA ILE A 313 -4.88 2.08 -14.73
C ILE A 313 -3.37 2.22 -14.66
N PHE A 314 -2.67 1.40 -13.84
CA PHE A 314 -1.20 1.50 -13.77
C PHE A 314 -0.55 1.26 -15.15
N LYS A 315 -1.06 0.31 -15.91
CA LYS A 315 -0.51 0.04 -17.24
C LYS A 315 -0.54 1.30 -18.09
N GLN A 316 -1.66 2.00 -18.10
CA GLN A 316 -1.81 3.21 -18.94
C GLN A 316 -0.97 4.35 -18.40
N LEU A 317 -0.84 4.47 -17.05
CA LEU A 317 0.07 5.49 -16.47
C LEU A 317 1.51 5.31 -16.97
N LEU A 318 1.94 4.04 -17.08
CA LEU A 318 3.28 3.70 -17.57
C LEU A 318 3.33 3.94 -19.10
N GLN A 319 2.31 3.49 -19.84
CA GLN A 319 2.23 3.67 -21.32
C GLN A 319 2.30 5.16 -21.73
N ALA A 320 1.57 6.04 -21.00
CA ALA A 320 1.51 7.45 -21.28
C ALA A 320 2.69 8.21 -20.67
N LYS A 321 3.61 7.54 -19.93
CA LYS A 321 4.74 8.20 -19.23
C LYS A 321 4.20 9.33 -18.32
N ALA A 322 3.14 9.01 -17.59
CA ALA A 322 2.37 9.96 -16.80
C ALA A 322 2.96 10.17 -15.42
N LEU A 323 3.95 9.36 -15.00
CA LEU A 323 4.42 9.49 -13.61
C LEU A 323 5.94 9.17 -13.50
N GLN A 324 6.61 9.82 -12.58
CA GLN A 324 8.04 9.57 -12.34
C GLN A 324 8.21 8.57 -11.17
N PHE A 325 7.19 8.44 -10.30
CA PHE A 325 7.23 7.54 -9.12
C PHE A 325 5.88 6.87 -9.02
N LEU A 326 5.93 5.54 -8.99
CA LEU A 326 4.68 4.76 -9.00
C LEU A 326 4.40 4.27 -7.61
N GLN A 327 3.21 4.59 -7.09
CA GLN A 327 2.92 4.25 -5.70
C GLN A 327 1.92 3.10 -5.58
N ILE A 328 2.45 1.89 -5.38
CA ILE A 328 1.59 0.75 -5.13
C ILE A 328 0.92 0.87 -3.76
N ASP A 329 -0.22 0.18 -3.59
CA ASP A 329 -0.89 0.08 -2.31
C ASP A 329 -1.28 -1.40 -2.13
N SER A 330 -0.94 -1.93 -0.95
CA SER A 330 -1.13 -3.33 -0.55
C SER A 330 -2.62 -3.72 -0.44
N CYS A 331 -3.51 -2.73 -0.16
CA CYS A 331 -4.95 -3.03 0.11
C CYS A 331 -5.98 -2.39 -0.90
N ARG A 332 -5.52 -1.58 -1.85
CA ARG A 332 -6.33 -0.98 -2.91
C ARG A 332 -6.35 -1.93 -4.13
N LEU A 333 -5.16 -2.43 -4.50
CA LEU A 333 -5.06 -3.41 -5.60
C LEU A 333 -5.48 -4.80 -5.10
N GLY A 334 -5.57 -5.74 -6.02
CA GLY A 334 -5.96 -7.11 -5.74
C GLY A 334 -4.89 -7.92 -5.00
N SER A 335 -4.54 -7.47 -3.76
CA SER A 335 -3.62 -8.12 -2.81
C SER A 335 -2.20 -8.33 -3.44
N VAL A 336 -1.50 -9.36 -2.98
CA VAL A 336 -0.16 -9.65 -3.44
C VAL A 336 -0.17 -9.92 -4.97
N ASN A 337 -1.19 -10.66 -5.45
CA ASN A 337 -1.25 -11.08 -6.87
C ASN A 337 -1.18 -9.89 -7.82
N GLU A 338 -2.07 -8.92 -7.64
CA GLU A 338 -2.09 -7.77 -8.53
C GLU A 338 -0.91 -6.84 -8.27
N ASN A 339 -0.49 -6.64 -6.97
CA ASN A 339 0.70 -5.83 -6.70
C ASN A 339 1.93 -6.41 -7.44
N LEU A 340 2.08 -7.76 -7.50
CA LEU A 340 3.22 -8.38 -8.22
C LEU A 340 3.21 -7.97 -9.69
N SER A 341 2.01 -7.99 -10.32
CA SER A 341 1.88 -7.61 -11.76
C SER A 341 2.27 -6.15 -11.98
N VAL A 342 1.98 -5.28 -10.98
CA VAL A 342 2.29 -3.84 -11.10
C VAL A 342 3.79 -3.67 -10.86
N LEU A 343 4.41 -4.35 -9.86
CA LEU A 343 5.87 -4.27 -9.69
C LEU A 343 6.58 -4.68 -10.99
N LEU A 344 6.11 -5.78 -11.58
CA LEU A 344 6.74 -6.28 -12.84
C LEU A 344 6.55 -5.30 -14.00
N MET A 345 5.39 -4.66 -14.11
CA MET A 345 5.20 -3.65 -15.18
C MET A 345 6.10 -2.43 -14.95
N ALA A 346 6.23 -1.96 -13.67
CA ALA A 346 7.05 -0.77 -13.37
C ALA A 346 8.52 -1.06 -13.74
N LYS A 347 9.03 -2.27 -13.44
CA LYS A 347 10.42 -2.64 -13.84
C LYS A 347 10.55 -2.68 -15.39
N LYS A 348 9.59 -3.32 -16.08
CA LYS A 348 9.52 -3.42 -17.56
C LYS A 348 9.62 -2.00 -18.18
N PHE A 349 8.95 -1.00 -17.55
CA PHE A 349 9.00 0.40 -17.99
C PHE A 349 10.14 1.21 -17.32
N GLU A 350 10.96 0.55 -16.42
CA GLU A 350 12.06 1.21 -15.71
C GLU A 350 11.58 2.47 -14.91
N ILE A 351 10.46 2.31 -14.20
CA ILE A 351 9.85 3.36 -13.37
C ILE A 351 10.00 2.92 -11.90
N PRO A 352 10.52 3.81 -11.01
CA PRO A 352 10.69 3.41 -9.59
C PRO A 352 9.37 3.33 -8.85
N VAL A 353 9.29 2.33 -7.94
CA VAL A 353 8.11 2.11 -7.12
C VAL A 353 8.43 2.69 -5.71
N CYS A 354 7.52 3.55 -5.24
CA CYS A 354 7.57 4.21 -3.90
C CYS A 354 6.26 3.93 -3.21
N PRO A 355 6.19 2.83 -2.45
CA PRO A 355 4.86 2.42 -1.94
C PRO A 355 4.15 3.46 -1.08
N HIS A 356 2.81 3.43 -1.13
CA HIS A 356 1.98 4.17 -0.23
C HIS A 356 1.86 3.32 1.05
N ALA A 357 1.75 3.98 2.18
CA ALA A 357 1.55 3.26 3.43
C ALA A 357 0.84 4.17 4.47
N GLY A 358 0.90 3.79 5.75
CA GLY A 358 0.19 4.49 6.82
C GLY A 358 -1.13 3.81 7.10
N GLY A 359 -2.17 4.60 7.37
CA GLY A 359 -3.49 4.03 7.66
C GLY A 359 -3.48 2.99 8.78
N VAL A 360 -4.25 1.91 8.61
CA VAL A 360 -4.29 0.74 9.51
C VAL A 360 -3.52 -0.38 8.87
N GLY A 361 -2.30 -0.63 9.34
CA GLY A 361 -1.52 -1.77 8.86
C GLY A 361 -0.97 -1.74 7.46
N LEU A 362 -1.15 -0.64 6.67
CA LEU A 362 -0.54 -0.63 5.31
C LEU A 362 1.01 -0.76 5.38
N CYS A 363 1.67 -0.11 6.37
CA CYS A 363 3.15 -0.25 6.57
C CYS A 363 3.51 -1.75 6.75
N GLU A 364 2.76 -2.43 7.68
CA GLU A 364 2.99 -3.84 8.02
C GLU A 364 2.94 -4.75 6.77
N LEU A 365 2.06 -4.44 5.81
CA LEU A 365 1.92 -5.31 4.60
C LEU A 365 2.84 -4.90 3.49
N VAL A 366 2.79 -3.62 3.10
CA VAL A 366 3.48 -3.16 1.91
C VAL A 366 5.03 -3.31 2.01
N GLN A 367 5.59 -3.27 3.22
CA GLN A 367 7.06 -3.47 3.41
C GLN A 367 7.50 -4.85 2.78
N HIS A 368 6.63 -5.91 2.87
CA HIS A 368 6.97 -7.21 2.27
C HIS A 368 7.10 -7.09 0.77
N LEU A 369 6.19 -6.34 0.16
CA LEU A 369 6.16 -6.23 -1.30
C LEU A 369 7.40 -5.48 -1.83
N ILE A 370 7.78 -4.39 -1.16
CA ILE A 370 8.91 -3.58 -1.65
C ILE A 370 10.28 -4.23 -1.31
N ILE A 371 10.37 -5.00 -0.19
CA ILE A 371 11.59 -5.74 0.10
C ILE A 371 11.76 -6.81 -1.02
N PHE A 372 10.65 -7.52 -1.35
CA PHE A 372 10.65 -8.48 -2.46
C PHE A 372 11.06 -7.78 -3.78
N ASP A 373 10.50 -6.57 -4.04
CA ASP A 373 10.83 -5.81 -5.23
C ASP A 373 12.38 -5.61 -5.32
N TYR A 374 12.98 -5.09 -4.24
CA TYR A 374 14.44 -4.87 -4.22
C TYR A 374 15.24 -6.14 -4.46
N ILE A 375 14.93 -7.21 -3.70
CA ILE A 375 15.70 -8.45 -3.79
C ILE A 375 15.52 -9.14 -5.16
N SER A 376 14.27 -9.22 -5.67
CA SER A 376 13.98 -10.06 -6.83
C SER A 376 13.52 -9.37 -8.10
N VAL A 377 13.14 -8.08 -8.07
CA VAL A 377 12.53 -7.49 -9.29
C VAL A 377 13.35 -6.29 -9.80
N SER A 378 13.31 -5.13 -9.10
CA SER A 378 14.04 -3.95 -9.57
C SER A 378 15.55 -4.05 -9.29
N ALA A 379 15.96 -4.72 -8.15
CA ALA A 379 17.36 -4.84 -7.76
C ALA A 379 18.02 -3.44 -7.59
N SER A 380 17.23 -2.47 -7.08
CA SER A 380 17.75 -1.10 -6.88
C SER A 380 16.95 -0.35 -5.85
N LEU A 381 17.61 0.63 -5.21
CA LEU A 381 17.03 1.59 -4.27
C LEU A 381 17.03 2.98 -4.86
N GLU A 382 17.63 3.12 -6.04
CA GLU A 382 17.69 4.40 -6.71
C GLU A 382 16.28 4.93 -6.99
N ASN A 383 16.01 6.18 -6.55
CA ASN A 383 14.72 6.86 -6.69
C ASN A 383 13.58 6.10 -5.99
N ARG A 384 13.91 5.17 -5.06
CA ARG A 384 12.86 4.38 -4.40
C ARG A 384 12.95 4.56 -2.89
N VAL A 385 11.77 4.61 -2.27
CA VAL A 385 11.63 4.83 -0.83
C VAL A 385 10.22 4.37 -0.42
N CYS A 386 10.07 3.92 0.82
CA CYS A 386 8.76 3.45 1.27
C CYS A 386 8.16 4.46 2.23
N GLU A 387 6.88 4.78 2.08
CA GLU A 387 6.27 5.69 3.04
C GLU A 387 6.20 5.06 4.45
N TYR A 388 6.27 5.90 5.47
CA TYR A 388 6.06 5.44 6.83
C TYR A 388 5.19 6.48 7.59
N VAL A 389 4.23 6.00 8.39
CA VAL A 389 3.44 6.85 9.29
C VAL A 389 3.45 6.18 10.67
N ASP A 390 3.56 6.98 11.72
CA ASP A 390 3.71 6.49 13.12
C ASP A 390 2.41 6.06 13.85
N HIS A 391 1.32 5.86 13.10
N HIS A 391 1.27 5.94 13.23
CA HIS A 391 -0.01 5.47 13.58
CA HIS A 391 0.32 5.51 14.26
C HIS A 391 -0.24 3.96 13.85
C HIS A 391 -0.21 4.09 14.01
N LEU A 392 -0.86 3.58 15.04
CA LEU A 392 -1.55 2.30 15.26
C LEU A 392 -0.81 0.96 15.14
N HIS A 393 0.51 1.00 15.06
CA HIS A 393 1.31 -0.22 15.02
C HIS A 393 1.15 -1.09 16.28
N GLU A 394 0.80 -0.49 17.44
CA GLU A 394 0.60 -1.20 18.72
C GLU A 394 -0.61 -2.19 18.64
N HIS A 395 -1.45 -2.09 17.58
CA HIS A 395 -2.62 -2.97 17.44
C HIS A 395 -2.30 -4.20 16.59
N PHE A 396 -1.08 -4.28 16.06
CA PHE A 396 -0.61 -5.42 15.27
C PHE A 396 0.27 -6.32 16.13
N LYS A 397 0.11 -7.63 15.96
CA LYS A 397 0.91 -8.65 16.64
C LYS A 397 2.41 -8.55 16.16
N TYR A 398 2.61 -8.24 14.87
CA TYR A 398 3.94 -8.13 14.25
C TYR A 398 4.14 -6.70 13.73
N PRO A 399 4.35 -5.69 14.62
CA PRO A 399 4.42 -4.30 14.13
C PRO A 399 5.67 -4.08 13.31
N VAL A 400 5.68 -3.07 12.43
CA VAL A 400 6.89 -2.75 11.68
C VAL A 400 8.06 -2.40 12.65
N MET A 401 9.28 -2.78 12.25
CA MET A 401 10.51 -2.46 12.98
C MET A 401 11.32 -1.45 12.17
N ILE A 402 11.36 -0.22 12.66
CA ILE A 402 12.13 0.87 12.03
C ILE A 402 13.46 1.04 12.74
N GLN A 403 14.55 1.01 11.96
CA GLN A 403 15.90 1.26 12.45
CA GLN A 403 15.90 1.29 12.45
C GLN A 403 16.55 2.23 11.50
N ARG A 404 17.01 3.40 12.00
CA ARG A 404 17.67 4.43 11.19
C ARG A 404 16.81 4.79 9.96
N ALA A 405 15.49 5.07 10.21
CA ALA A 405 14.53 5.47 9.17
C ALA A 405 14.48 4.42 8.02
N SER A 406 14.55 3.14 8.40
CA SER A 406 14.51 2.01 7.44
C SER A 406 13.67 0.92 7.99
N TYR A 407 12.96 0.23 7.08
CA TYR A 407 12.14 -0.94 7.40
C TYR A 407 13.03 -2.17 7.55
N MET A 408 13.14 -2.71 8.78
CA MET A 408 13.90 -3.94 8.95
C MET A 408 12.99 -5.11 8.51
N PRO A 409 13.50 -6.03 7.67
CA PRO A 409 12.65 -7.13 7.15
C PRO A 409 11.95 -7.95 8.24
N PRO A 410 10.62 -8.13 8.14
CA PRO A 410 9.91 -8.97 9.14
C PRO A 410 10.55 -10.37 9.28
N LYS A 411 10.67 -10.85 10.51
CA LYS A 411 11.29 -12.15 10.78
C LYS A 411 10.28 -13.27 10.96
N ASP A 412 9.05 -12.93 11.36
CA ASP A 412 8.06 -13.96 11.68
C ASP A 412 7.31 -14.47 10.48
N PRO A 413 6.83 -15.74 10.51
CA PRO A 413 5.98 -16.20 9.39
C PRO A 413 4.70 -15.34 9.20
N GLY A 414 4.27 -15.20 7.95
CA GLY A 414 3.04 -14.47 7.62
C GLY A 414 3.22 -13.14 6.94
N TYR A 415 2.07 -12.42 6.75
CA TYR A 415 2.05 -11.16 6.00
C TYR A 415 2.02 -9.93 6.97
N SER A 416 2.26 -10.18 8.31
CA SER A 416 2.19 -9.11 9.36
C SER A 416 0.78 -8.46 9.41
N THR A 417 -0.24 -9.18 8.93
CA THR A 417 -1.64 -8.71 8.90
C THR A 417 -2.35 -8.93 10.28
N GLU A 418 -1.82 -9.87 11.08
CA GLU A 418 -2.49 -10.27 12.30
C GLU A 418 -2.64 -9.12 13.32
N MET A 419 -3.92 -8.90 13.77
CA MET A 419 -4.16 -7.86 14.76
C MET A 419 -4.31 -8.49 16.12
N LYS A 420 -4.03 -7.70 17.15
CA LYS A 420 -4.24 -8.10 18.53
C LYS A 420 -5.76 -8.21 18.78
N GLU A 421 -6.22 -9.41 19.21
CA GLU A 421 -7.67 -9.60 19.43
C GLU A 421 -8.24 -8.61 20.44
N GLU A 422 -7.49 -8.22 21.52
CA GLU A 422 -7.96 -7.19 22.48
C GLU A 422 -8.20 -5.84 21.72
N SER A 423 -7.28 -5.44 20.83
CA SER A 423 -7.41 -4.23 19.98
C SER A 423 -8.64 -4.32 19.07
N VAL A 424 -8.83 -5.48 18.39
CA VAL A 424 -9.98 -5.64 17.48
C VAL A 424 -11.31 -5.48 18.25
N LYS A 425 -11.44 -6.20 19.36
CA LYS A 425 -12.67 -6.17 20.16
C LYS A 425 -12.99 -4.79 20.72
N LYS A 426 -11.97 -4.02 21.21
CA LYS A 426 -12.23 -2.69 21.78
C LYS A 426 -12.68 -1.70 20.70
N HIS A 427 -12.19 -1.92 19.45
CA HIS A 427 -12.43 -0.96 18.35
C HIS A 427 -13.45 -1.42 17.28
N GLN A 428 -14.11 -2.57 17.53
CA GLN A 428 -15.15 -3.06 16.65
C GLN A 428 -16.33 -2.08 16.63
N TYR A 429 -16.75 -1.76 15.42
CA TYR A 429 -17.85 -0.81 15.21
C TYR A 429 -19.16 -1.58 14.85
N PRO A 430 -20.30 -1.30 15.51
CA PRO A 430 -20.56 -0.25 16.50
C PRO A 430 -20.47 -0.66 17.99
N ASP A 431 -20.24 -1.94 18.28
CA ASP A 431 -20.40 -2.40 19.68
C ASP A 431 -19.13 -2.56 20.54
N GLY A 432 -17.95 -2.23 20.03
CA GLY A 432 -16.74 -2.29 20.83
C GLY A 432 -16.73 -1.18 21.87
N GLU A 433 -15.98 -1.36 22.95
CA GLU A 433 -15.90 -0.40 24.09
C GLU A 433 -15.71 1.05 23.62
N VAL A 434 -14.75 1.28 22.71
CA VAL A 434 -14.42 2.62 22.29
C VAL A 434 -15.62 3.30 21.62
N TRP A 435 -16.36 2.56 20.75
CA TRP A 435 -17.50 3.13 20.04
C TRP A 435 -18.72 3.24 20.92
N LYS A 436 -18.83 2.42 21.98
CA LYS A 436 -19.95 2.56 22.92
C LYS A 436 -19.71 3.84 23.78
N LYS A 437 -18.44 4.26 23.93
CA LYS A 437 -18.12 5.46 24.71
C LYS A 437 -18.27 6.70 23.82
N LEU A 438 -17.86 6.58 22.53
CA LEU A 438 -17.92 7.72 21.62
C LEU A 438 -19.32 7.95 21.06
N LEU A 439 -20.10 6.88 20.89
CA LEU A 439 -21.45 6.95 20.32
C LEU A 439 -22.38 6.15 21.23
N PRO A 440 -22.67 6.69 22.45
CA PRO A 440 -23.46 5.92 23.43
C PRO A 440 -24.90 5.75 22.99
N ALA A 441 -25.49 4.59 23.35
CA ALA A 441 -26.87 4.21 22.99
C ALA A 441 -27.87 4.72 24.01
MG MG B . -0.89 10.17 -0.73
MG MG C . 13.16 -1.54 -4.46
C1 EDO D . -17.50 5.78 13.26
O1 EDO D . -16.91 5.57 11.97
C2 EDO D . -18.99 6.22 13.16
O2 EDO D . -19.24 6.99 11.99
C1 EDO E . -8.92 16.10 12.36
O1 EDO E . -10.11 15.31 12.44
C2 EDO E . -7.75 15.16 12.08
O2 EDO E . -7.67 14.20 13.12
C1 EDO F . -15.22 9.78 15.64
O1 EDO F . -15.76 9.75 14.34
C2 EDO F . -16.27 10.43 16.53
O2 EDO F . -17.47 9.64 16.44
C1 EDO G . 22.05 -0.94 -4.91
O1 EDO G . 21.37 -2.16 -4.78
C2 EDO G . 21.21 0.26 -4.43
O2 EDO G . 20.40 0.70 -5.50
C1 EDO H . -13.04 1.55 31.85
O1 EDO H . -12.88 1.35 30.45
C2 EDO H . -14.48 1.04 32.17
O2 EDO H . -15.46 1.73 31.40
C1 EDO I . -7.25 -17.76 -17.02
O1 EDO I . -7.78 -19.00 -17.46
C2 EDO I . -7.74 -17.46 -15.59
O2 EDO I . -7.38 -18.53 -14.74
C1 EDO J . 4.71 -7.18 -25.10
O1 EDO J . 5.87 -7.87 -24.66
C2 EDO J . 5.17 -6.06 -26.05
O2 EDO J . 6.21 -5.32 -25.40
#